data_5ETF
#
_entry.id   5ETF
#
_cell.length_a   82.383
_cell.length_b   82.383
_cell.length_c   123.335
_cell.angle_alpha   90.00
_cell.angle_beta   90.00
_cell.angle_gamma   120.00
#
_symmetry.space_group_name_H-M   'P 31 2 1'
#
loop_
_entity.id
_entity.type
_entity.pdbx_description
1 polymer 'Mitogen-activated protein kinase 14'
2 polymer 'Dual specificity mitogen-activated protein kinase kinase 6'
3 water water
#
loop_
_entity_poly.entity_id
_entity_poly.type
_entity_poly.pdbx_seq_one_letter_code
_entity_poly.pdbx_strand_id
1 'polypeptide(L)'
;MSQERPTFYRQELNKTIWEVPERYQNLSPVGSGAYGSVCAAFDTKTGLRVAVRKLSRPFQSIIHAKRTYRELRLLKHMKH
ENVIGLLDVFTPARSLEEFNDVYLVTHLMGADLNNIVKCQKLTDDHVQFLIYQILRGLKYIHSADIIHRDLKPSNLAVNE
DCELKILDFGLARHTDDEMTGYVATRWYRAPEIMLNWMHYNQTVDIWSVGCIMAELLTGRTLFPGTDHIDQLKLILRLVG
TPGAELLKKISSESARNYIQSLTQMPKMNFANVFIGANPLAVDLLEKMLVLDSDKRITAAQALAHAYFAQYHDPDDEPVA
DPYDQSFESRDLLIDEWKSLTYDEVISFVPPPLDQEEMES
;
A
2 'polypeptide(L)' SKGKKRNPGLKIPKA B
#
# COMPACT_ATOMS: atom_id res chain seq x y z
N GLU A 4 -9.62 23.13 -23.79
CA GLU A 4 -10.00 21.73 -23.57
C GLU A 4 -10.50 21.42 -22.14
N ARG A 5 -11.13 22.38 -21.50
CA ARG A 5 -11.81 22.10 -20.24
C ARG A 5 -13.12 21.37 -20.53
N PRO A 6 -13.37 20.22 -19.90
CA PRO A 6 -14.60 19.46 -20.17
C PRO A 6 -15.86 20.23 -19.80
N THR A 7 -17.00 19.70 -20.21
CA THR A 7 -18.27 20.13 -19.63
C THR A 7 -18.52 19.37 -18.33
N PHE A 8 -18.82 20.12 -17.26
CA PHE A 8 -19.14 19.55 -15.96
C PHE A 8 -20.66 19.57 -15.78
N TYR A 9 -21.15 18.66 -14.96
CA TYR A 9 -22.51 18.77 -14.48
C TYR A 9 -22.50 18.58 -12.96
N ARG A 10 -23.42 19.27 -12.30
CA ARG A 10 -23.46 19.38 -10.85
C ARG A 10 -24.68 18.65 -10.30
N GLN A 11 -24.46 17.84 -9.26
CA GLN A 11 -25.54 17.10 -8.61
C GLN A 11 -25.22 16.93 -7.12
N GLU A 12 -26.24 16.55 -6.37
CA GLU A 12 -26.14 16.37 -4.92
C GLU A 12 -26.50 14.93 -4.60
N LEU A 13 -25.52 14.18 -4.08
CA LEU A 13 -25.71 12.80 -3.66
C LEU A 13 -25.25 12.69 -2.21
N ASN A 14 -26.11 12.14 -1.35
CA ASN A 14 -25.96 12.20 0.12
C ASN A 14 -26.10 13.68 0.50
N LYS A 15 -25.26 14.19 1.39
CA LYS A 15 -25.16 15.61 1.65
C LYS A 15 -23.99 16.23 0.91
N THR A 16 -23.43 15.50 -0.07
CA THR A 16 -22.23 15.90 -0.79
C THR A 16 -22.60 16.39 -2.18
N ILE A 17 -21.92 17.42 -2.64
CA ILE A 17 -22.09 17.92 -3.99
C ILE A 17 -20.98 17.37 -4.87
N TRP A 18 -21.35 16.91 -6.06
CA TRP A 18 -20.42 16.35 -7.02
C TRP A 18 -20.49 17.17 -8.29
N GLU A 19 -19.38 17.79 -8.67
CA GLU A 19 -19.30 18.49 -9.94
C GLU A 19 -18.17 17.83 -10.73
N VAL A 20 -18.52 17.01 -11.73
CA VAL A 20 -17.58 16.19 -12.48
C VAL A 20 -17.79 16.42 -13.97
N PRO A 21 -16.76 16.13 -14.80
CA PRO A 21 -16.98 16.10 -16.25
C PRO A 21 -18.02 15.06 -16.64
N GLU A 22 -18.72 15.34 -17.73
CA GLU A 22 -19.82 14.48 -18.14
C GLU A 22 -19.35 13.12 -18.66
N ARG A 23 -18.04 12.92 -18.82
CA ARG A 23 -17.57 11.58 -19.14
C ARG A 23 -17.82 10.58 -18.01
N TYR A 24 -18.03 11.07 -16.78
CA TYR A 24 -18.24 10.20 -15.63
C TYR A 24 -19.73 10.13 -15.36
N GLN A 25 -20.30 8.95 -15.56
CA GLN A 25 -21.74 8.73 -15.56
C GLN A 25 -22.15 7.74 -14.48
N ASN A 26 -23.39 7.87 -14.01
CA ASN A 26 -24.03 6.99 -13.02
C ASN A 26 -23.22 6.92 -11.74
N LEU A 27 -22.95 8.09 -11.17
CA LEU A 27 -22.26 8.17 -9.90
C LEU A 27 -23.08 7.50 -8.79
N SER A 28 -22.52 6.46 -8.20
CA SER A 28 -23.17 5.73 -7.12
C SER A 28 -22.31 5.79 -5.86
N PRO A 29 -22.75 6.48 -4.80
CA PRO A 29 -21.91 6.64 -3.61
C PRO A 29 -21.56 5.33 -2.93
N VAL A 30 -20.28 5.19 -2.59
CA VAL A 30 -19.67 3.96 -2.08
C VAL A 30 -19.10 4.17 -0.68
N GLY A 31 -19.36 5.32 -0.08
CA GLY A 31 -18.98 5.58 1.29
C GLY A 31 -18.11 6.82 1.41
N SER A 32 -17.87 7.18 2.67
CA SER A 32 -17.11 8.38 3.03
C SER A 32 -16.05 8.07 4.09
N GLY A 33 -15.41 9.11 4.61
CA GLY A 33 -14.35 8.94 5.58
C GLY A 33 -13.39 10.11 5.54
N ALA A 34 -12.25 9.92 6.20
CA ALA A 34 -11.21 10.95 6.22
C ALA A 34 -10.58 11.13 4.85
N TYR A 35 -10.42 10.03 4.11
CA TYR A 35 -9.93 10.04 2.73
C TYR A 35 -10.86 10.80 1.77
N GLY A 36 -12.10 11.09 2.16
CA GLY A 36 -13.06 11.79 1.32
C GLY A 36 -14.25 10.91 0.97
N SER A 37 -15.19 11.50 0.24
CA SER A 37 -16.31 10.74 -0.33
C SER A 37 -15.88 10.04 -1.62
N VAL A 38 -16.44 8.86 -1.85
CA VAL A 38 -16.11 8.08 -3.04
C VAL A 38 -17.41 7.61 -3.71
N CYS A 39 -17.45 7.76 -5.03
CA CYS A 39 -18.54 7.25 -5.85
C CYS A 39 -17.97 6.27 -6.85
N ALA A 40 -18.70 5.18 -7.10
CA ALA A 40 -18.38 4.36 -8.25
C ALA A 40 -19.07 4.96 -9.47
N ALA A 41 -18.37 4.94 -10.60
CA ALA A 41 -18.90 5.61 -11.78
C ALA A 41 -18.46 4.83 -13.01
N PHE A 42 -19.02 5.23 -14.15
CA PHE A 42 -18.66 4.66 -15.44
C PHE A 42 -17.94 5.72 -16.26
N ASP A 43 -16.73 5.41 -16.70
CA ASP A 43 -15.93 6.33 -17.51
C ASP A 43 -16.25 6.06 -18.97
N THR A 44 -17.04 6.95 -19.57
CA THR A 44 -17.41 6.76 -20.96
C THR A 44 -16.26 6.99 -21.93
N LYS A 45 -15.14 7.60 -21.49
CA LYS A 45 -14.00 7.77 -22.40
C LYS A 45 -13.14 6.52 -22.48
N THR A 46 -12.95 5.84 -21.35
CA THR A 46 -12.17 4.62 -21.33
C THR A 46 -13.02 3.36 -21.21
N GLY A 47 -14.32 3.49 -20.95
CA GLY A 47 -15.16 2.32 -20.82
C GLY A 47 -14.95 1.54 -19.55
N LEU A 48 -14.12 2.02 -18.63
CA LEU A 48 -13.89 1.32 -17.39
C LEU A 48 -14.85 1.80 -16.31
N ARG A 49 -15.09 0.94 -15.33
CA ARG A 49 -15.69 1.40 -14.09
C ARG A 49 -14.59 2.01 -13.22
N VAL A 50 -14.88 3.17 -12.63
CA VAL A 50 -13.87 3.95 -11.94
C VAL A 50 -14.38 4.32 -10.55
N ALA A 51 -13.44 4.64 -9.66
CA ALA A 51 -13.75 5.30 -8.40
C ALA A 51 -13.40 6.77 -8.53
N VAL A 52 -14.36 7.64 -8.25
CA VAL A 52 -14.17 9.08 -8.22
C VAL A 52 -14.17 9.46 -6.75
N ARG A 53 -13.02 9.94 -6.28
CA ARG A 53 -12.82 10.30 -4.90
C ARG A 53 -12.73 11.82 -4.78
N LYS A 54 -13.67 12.42 -4.04
CA LYS A 54 -13.65 13.84 -3.74
C LYS A 54 -12.99 14.07 -2.39
N LEU A 55 -11.88 14.81 -2.37
CA LEU A 55 -11.21 15.06 -1.10
C LEU A 55 -12.06 15.97 -0.23
N SER A 56 -12.12 15.66 1.05
CA SER A 56 -12.80 16.48 2.04
C SER A 56 -11.84 17.49 2.66
N ARG A 57 -12.22 18.77 2.60
CA ARG A 57 -11.46 19.85 3.21
C ARG A 57 -9.97 19.76 2.87
N PRO A 58 -9.61 19.74 1.59
CA PRO A 58 -8.20 19.53 1.24
C PRO A 58 -7.29 20.68 1.67
N PHE A 59 -7.81 21.88 1.86
CA PHE A 59 -6.98 23.04 2.15
C PHE A 59 -7.47 23.82 3.35
N GLN A 60 -7.89 23.14 4.42
CA GLN A 60 -8.44 23.85 5.57
C GLN A 60 -7.37 24.22 6.59
N SER A 61 -6.17 23.67 6.48
CA SER A 61 -5.07 23.99 7.37
C SER A 61 -3.77 23.85 6.57
N ILE A 62 -2.68 24.38 7.13
CA ILE A 62 -1.36 24.08 6.57
C ILE A 62 -1.17 22.58 6.46
N ILE A 63 -1.53 21.88 7.53
CA ILE A 63 -1.32 20.43 7.61
C ILE A 63 -2.09 19.71 6.50
N HIS A 64 -3.36 20.07 6.32
CA HIS A 64 -4.17 19.39 5.31
C HIS A 64 -3.72 19.78 3.91
N ALA A 65 -3.44 21.06 3.69
CA ALA A 65 -3.03 21.51 2.37
C ALA A 65 -1.73 20.85 1.95
N LYS A 66 -0.77 20.75 2.86
CA LYS A 66 0.46 20.02 2.55
C LYS A 66 0.17 18.55 2.33
N ARG A 67 -0.71 17.97 3.14
CA ARG A 67 -1.04 16.56 2.98
C ARG A 67 -1.67 16.29 1.61
N THR A 68 -2.52 17.20 1.14
CA THR A 68 -3.13 17.07 -0.17
C THR A 68 -2.07 17.13 -1.27
N TYR A 69 -1.11 18.05 -1.13
CA TYR A 69 -0.05 18.16 -2.12
C TYR A 69 0.80 16.90 -2.14
N ARG A 70 1.17 16.42 -0.96
CA ARG A 70 1.94 15.18 -0.85
C ARG A 70 1.24 14.01 -1.52
N GLU A 71 -0.06 13.88 -1.30
CA GLU A 71 -0.80 12.78 -1.89
C GLU A 71 -0.81 12.89 -3.41
N LEU A 72 -1.11 14.09 -3.94
CA LEU A 72 -1.20 14.24 -5.39
C LEU A 72 0.14 14.02 -6.08
N ARG A 73 1.23 14.53 -5.49
CA ARG A 73 2.56 14.26 -6.04
C ARG A 73 2.84 12.77 -6.10
N LEU A 74 2.52 12.06 -5.03
CA LEU A 74 2.81 10.63 -4.95
C LEU A 74 1.97 9.85 -5.96
N LEU A 75 0.67 10.07 -5.98
CA LEU A 75 -0.18 9.34 -6.91
C LEU A 75 0.19 9.63 -8.37
N LYS A 76 0.58 10.87 -8.67
CA LYS A 76 0.99 11.23 -10.03
C LYS A 76 2.31 10.58 -10.44
N HIS A 77 3.13 10.15 -9.49
CA HIS A 77 4.41 9.52 -9.81
C HIS A 77 4.30 8.02 -10.04
N MET A 78 3.26 7.37 -9.50
CA MET A 78 3.14 5.91 -9.51
C MET A 78 2.67 5.42 -10.87
N LYS A 79 3.57 4.83 -11.65
CA LYS A 79 3.26 4.30 -12.98
C LYS A 79 3.89 2.91 -13.09
N HIS A 80 3.10 1.88 -12.77
CA HIS A 80 3.55 0.50 -12.60
C HIS A 80 2.33 -0.39 -12.58
N GLU A 81 2.41 -1.53 -13.25
CA GLU A 81 1.18 -2.30 -13.40
C GLU A 81 0.76 -2.98 -12.11
N ASN A 82 1.60 -2.98 -11.08
CA ASN A 82 1.26 -3.57 -9.80
C ASN A 82 1.05 -2.52 -8.71
N VAL A 83 0.90 -1.26 -9.10
CA VAL A 83 0.62 -0.17 -8.18
C VAL A 83 -0.57 0.61 -8.73
N ILE A 84 -1.47 1.04 -7.83
CA ILE A 84 -2.59 1.90 -8.22
C ILE A 84 -2.05 3.13 -8.95
N GLY A 85 -2.70 3.49 -10.04
CA GLY A 85 -2.33 4.66 -10.78
C GLY A 85 -3.46 5.66 -10.88
N LEU A 86 -3.14 6.89 -11.22
CA LEU A 86 -4.12 7.96 -11.26
C LEU A 86 -4.66 8.02 -12.67
N LEU A 87 -5.94 7.65 -12.84
CA LEU A 87 -6.55 7.76 -14.16
C LEU A 87 -6.77 9.21 -14.53
N ASP A 88 -7.18 10.04 -13.57
CA ASP A 88 -7.54 11.42 -13.82
C ASP A 88 -7.54 12.18 -12.51
N VAL A 89 -7.21 13.46 -12.57
CA VAL A 89 -7.44 14.37 -11.45
C VAL A 89 -8.03 15.66 -12.03
N PHE A 90 -9.07 16.19 -11.38
CA PHE A 90 -9.71 17.39 -11.91
C PHE A 90 -10.26 18.29 -10.80
N THR A 91 -10.52 19.54 -11.17
CA THR A 91 -11.24 20.50 -10.34
C THR A 91 -12.26 21.23 -11.20
N PRO A 92 -13.44 21.52 -10.66
CA PRO A 92 -14.38 22.39 -11.41
C PRO A 92 -13.84 23.81 -11.57
N ALA A 93 -12.93 24.22 -10.70
CA ALA A 93 -12.45 25.60 -10.68
C ALA A 93 -11.84 25.99 -12.01
N ARG A 94 -12.23 27.18 -12.49
CA ARG A 94 -11.64 27.74 -13.70
C ARG A 94 -10.40 28.56 -13.41
N SER A 95 -10.12 28.85 -12.14
CA SER A 95 -8.92 29.60 -11.77
C SER A 95 -8.55 29.25 -10.34
N LEU A 96 -7.32 29.62 -9.98
CA LEU A 96 -6.84 29.40 -8.62
C LEU A 96 -7.72 30.08 -7.61
N GLU A 97 -8.30 31.22 -7.96
CA GLU A 97 -9.09 31.95 -6.96
C GLU A 97 -10.39 31.25 -6.68
N GLU A 98 -10.91 30.49 -7.66
CA GLU A 98 -12.06 29.61 -7.45
C GLU A 98 -11.67 28.25 -6.89
N PHE A 99 -10.38 27.94 -6.81
CA PHE A 99 -9.94 26.59 -6.53
C PHE A 99 -10.36 26.16 -5.12
N ASN A 100 -11.20 25.14 -5.05
CA ASN A 100 -11.62 24.60 -3.76
C ASN A 100 -11.50 23.07 -3.72
N ASP A 101 -12.01 22.39 -4.75
CA ASP A 101 -12.22 20.96 -4.65
C ASP A 101 -11.28 20.19 -5.57
N VAL A 102 -10.85 19.03 -5.08
CA VAL A 102 -9.96 18.13 -5.80
C VAL A 102 -10.65 16.78 -5.90
N TYR A 103 -10.76 16.26 -7.14
CA TYR A 103 -11.27 14.93 -7.38
C TYR A 103 -10.16 14.07 -7.99
N LEU A 104 -10.05 12.82 -7.51
CA LEU A 104 -9.12 11.83 -8.05
C LEU A 104 -9.90 10.64 -8.61
N VAL A 105 -9.43 10.11 -9.74
CA VAL A 105 -10.11 9.03 -10.45
C VAL A 105 -9.16 7.84 -10.62
N THR A 106 -9.59 6.66 -10.18
CA THR A 106 -8.82 5.44 -10.31
C THR A 106 -9.72 4.34 -10.87
N HIS A 107 -9.09 3.26 -11.35
N HIS A 107 -9.08 3.27 -11.36
CA HIS A 107 -9.87 2.09 -11.75
CA HIS A 107 -9.78 2.02 -11.64
C HIS A 107 -10.54 1.50 -10.51
C HIS A 107 -10.57 1.60 -10.41
N LEU A 108 -11.85 1.29 -10.60
CA LEU A 108 -12.63 0.79 -9.48
C LEU A 108 -12.25 -0.67 -9.29
N MET A 109 -11.84 -1.00 -8.08
CA MET A 109 -11.29 -2.31 -7.78
C MET A 109 -12.40 -3.23 -7.26
N GLY A 110 -12.55 -4.37 -7.92
CA GLY A 110 -13.68 -5.26 -7.69
C GLY A 110 -13.52 -6.25 -6.55
N ALA A 111 -12.28 -6.48 -6.10
CA ALA A 111 -12.05 -7.41 -5.00
C ALA A 111 -10.68 -7.18 -4.43
N ASP A 112 -10.56 -7.30 -3.11
CA ASP A 112 -9.27 -7.26 -2.44
C ASP A 112 -8.86 -8.69 -2.06
N LEU A 113 -7.68 -8.81 -1.44
CA LEU A 113 -7.15 -10.13 -1.13
C LEU A 113 -8.05 -10.90 -0.16
N ASN A 114 -8.66 -10.19 0.79
CA ASN A 114 -9.60 -10.84 1.71
C ASN A 114 -10.83 -11.41 0.99
N ASN A 115 -11.38 -10.65 0.04
CA ASN A 115 -12.53 -11.16 -0.70
C ASN A 115 -12.16 -12.41 -1.49
N ILE A 116 -10.95 -12.46 -2.03
CA ILE A 116 -10.49 -13.64 -2.75
C ILE A 116 -10.45 -14.85 -1.81
N VAL A 117 -9.79 -14.70 -0.65
CA VAL A 117 -9.64 -15.80 0.29
C VAL A 117 -11.00 -16.29 0.78
N LYS A 118 -12.01 -15.41 0.82
CA LYS A 118 -13.33 -15.83 1.26
C LYS A 118 -14.13 -16.61 0.22
N CYS A 119 -13.67 -16.68 -1.03
CA CYS A 119 -14.41 -17.35 -2.08
C CYS A 119 -13.75 -18.62 -2.61
N GLN A 120 -12.47 -18.85 -2.32
CA GLN A 120 -11.85 -20.06 -2.78
C GLN A 120 -10.63 -20.39 -1.94
N LYS A 121 -10.11 -21.60 -2.13
CA LYS A 121 -8.83 -22.00 -1.59
C LYS A 121 -7.77 -21.71 -2.64
N LEU A 122 -6.80 -20.88 -2.29
CA LEU A 122 -5.72 -20.57 -3.20
C LEU A 122 -4.76 -21.75 -3.34
N THR A 123 -4.32 -22.01 -4.56
CA THR A 123 -3.27 -23.01 -4.78
C THR A 123 -1.90 -22.43 -4.43
N ASP A 124 -0.89 -23.30 -4.35
CA ASP A 124 0.46 -22.78 -4.11
C ASP A 124 0.89 -21.88 -5.26
N ASP A 125 0.42 -22.16 -6.47
N ASP A 125 0.41 -22.15 -6.47
CA ASP A 125 0.77 -21.31 -7.60
CA ASP A 125 0.76 -21.31 -7.61
C ASP A 125 0.12 -19.93 -7.48
C ASP A 125 0.10 -19.94 -7.53
N HIS A 126 -1.13 -19.88 -7.02
CA HIS A 126 -1.78 -18.60 -6.77
C HIS A 126 -0.97 -17.75 -5.80
N VAL A 127 -0.50 -18.37 -4.72
CA VAL A 127 0.27 -17.65 -3.72
C VAL A 127 1.57 -17.13 -4.31
N GLN A 128 2.29 -17.98 -5.04
CA GLN A 128 3.51 -17.52 -5.72
C GLN A 128 3.25 -16.26 -6.54
N PHE A 129 2.20 -16.29 -7.37
CA PHE A 129 1.93 -15.16 -8.27
C PHE A 129 1.53 -13.92 -7.49
N LEU A 130 0.67 -14.08 -6.46
CA LEU A 130 0.26 -12.92 -5.68
C LEU A 130 1.46 -12.28 -5.00
N ILE A 131 2.26 -13.08 -4.30
CA ILE A 131 3.39 -12.51 -3.59
C ILE A 131 4.38 -11.89 -4.57
N TYR A 132 4.67 -12.60 -5.67
CA TYR A 132 5.56 -12.07 -6.71
C TYR A 132 5.16 -10.65 -7.08
N GLN A 133 3.87 -10.47 -7.41
CA GLN A 133 3.38 -9.17 -7.85
C GLN A 133 3.48 -8.11 -6.75
N ILE A 134 3.29 -8.50 -5.49
CA ILE A 134 3.49 -7.53 -4.42
C ILE A 134 4.95 -7.06 -4.42
N LEU A 135 5.87 -8.02 -4.52
CA LEU A 135 7.29 -7.71 -4.50
C LEU A 135 7.71 -6.97 -5.75
N ARG A 136 7.09 -7.32 -6.89
CA ARG A 136 7.35 -6.56 -8.11
C ARG A 136 6.97 -5.09 -7.93
N GLY A 137 5.77 -4.85 -7.41
CA GLY A 137 5.35 -3.48 -7.17
C GLY A 137 6.24 -2.76 -6.16
N LEU A 138 6.68 -3.48 -5.12
CA LEU A 138 7.47 -2.84 -4.06
C LEU A 138 8.86 -2.45 -4.55
N LYS A 139 9.51 -3.34 -5.30
CA LYS A 139 10.77 -2.97 -5.95
C LYS A 139 10.64 -1.59 -6.61
N TYR A 140 9.57 -1.40 -7.37
CA TYR A 140 9.33 -0.10 -8.01
C TYR A 140 9.12 1.01 -6.99
N ILE A 141 8.21 0.81 -6.03
CA ILE A 141 7.95 1.84 -5.02
C ILE A 141 9.24 2.17 -4.27
N HIS A 142 9.93 1.15 -3.77
CA HIS A 142 11.14 1.35 -3.00
C HIS A 142 12.24 1.99 -3.83
N SER A 143 12.23 1.77 -5.14
CA SER A 143 13.26 2.37 -5.97
C SER A 143 13.07 3.87 -6.11
N ALA A 144 11.91 4.42 -5.73
CA ALA A 144 11.75 5.86 -5.65
C ALA A 144 11.83 6.40 -4.21
N ASP A 145 12.36 5.59 -3.27
CA ASP A 145 12.45 5.95 -1.85
C ASP A 145 11.09 6.36 -1.30
N ILE A 146 10.08 5.61 -1.67
CA ILE A 146 8.77 5.64 -1.04
C ILE A 146 8.65 4.38 -0.18
N ILE A 147 8.09 4.54 1.02
CA ILE A 147 7.72 3.42 1.88
C ILE A 147 6.20 3.44 1.95
N HIS A 148 5.58 2.30 1.67
CA HIS A 148 4.12 2.25 1.73
C HIS A 148 3.63 2.41 3.16
N ARG A 149 4.23 1.68 4.10
CA ARG A 149 4.00 1.72 5.54
C ARG A 149 2.76 0.95 5.98
N ASP A 150 1.82 0.67 5.09
CA ASP A 150 0.57 0.05 5.55
C ASP A 150 0.11 -1.10 4.64
N LEU A 151 1.03 -1.99 4.25
CA LEU A 151 0.63 -3.15 3.48
C LEU A 151 -0.20 -4.10 4.34
N LYS A 152 -1.30 -4.59 3.78
CA LYS A 152 -2.19 -5.55 4.41
C LYS A 152 -3.18 -6.00 3.35
N PRO A 153 -3.90 -7.10 3.57
CA PRO A 153 -4.73 -7.67 2.49
C PRO A 153 -5.79 -6.73 1.95
N SER A 154 -6.38 -5.88 2.80
CA SER A 154 -7.40 -4.93 2.34
C SER A 154 -6.83 -3.82 1.47
N ASN A 155 -5.51 -3.65 1.40
CA ASN A 155 -4.84 -2.68 0.54
C ASN A 155 -4.28 -3.32 -0.71
N LEU A 156 -4.73 -4.52 -1.05
CA LEU A 156 -4.25 -5.26 -2.21
C LEU A 156 -5.45 -5.68 -3.03
N ALA A 157 -5.61 -5.11 -4.22
CA ALA A 157 -6.72 -5.42 -5.13
C ALA A 157 -6.33 -6.56 -6.07
N VAL A 158 -7.27 -7.47 -6.33
CA VAL A 158 -7.00 -8.64 -7.16
C VAL A 158 -8.19 -8.85 -8.10
N ASN A 159 -7.90 -9.12 -9.39
CA ASN A 159 -8.97 -9.36 -10.34
C ASN A 159 -9.12 -10.86 -10.64
N GLU A 160 -9.97 -11.19 -11.62
CA GLU A 160 -10.29 -12.57 -11.94
C GLU A 160 -9.11 -13.30 -12.56
N ASP A 161 -8.14 -12.56 -13.13
CA ASP A 161 -6.94 -13.17 -13.68
C ASP A 161 -5.83 -13.32 -12.66
N CYS A 162 -6.13 -13.06 -11.38
CA CYS A 162 -5.20 -13.12 -10.27
C CYS A 162 -4.12 -12.03 -10.36
N GLU A 163 -4.40 -10.93 -11.05
CA GLU A 163 -3.48 -9.81 -11.18
C GLU A 163 -3.70 -8.83 -10.03
N LEU A 164 -2.61 -8.34 -9.45
CA LEU A 164 -2.68 -7.63 -8.19
C LEU A 164 -2.14 -6.22 -8.33
N LYS A 165 -2.69 -5.31 -7.51
CA LYS A 165 -2.29 -3.92 -7.45
C LYS A 165 -2.21 -3.48 -5.99
N ILE A 166 -1.15 -2.78 -5.65
CA ILE A 166 -1.00 -2.14 -4.35
C ILE A 166 -1.80 -0.85 -4.34
N LEU A 167 -2.66 -0.68 -3.33
CA LEU A 167 -3.49 0.51 -3.15
C LEU A 167 -3.05 1.28 -1.90
N ASP A 168 -3.58 2.49 -1.76
CA ASP A 168 -3.76 3.17 -0.47
C ASP A 168 -2.44 3.41 0.26
N PHE A 169 -1.64 4.33 -0.28
CA PHE A 169 -0.40 4.71 0.39
C PHE A 169 -0.64 5.43 1.72
N GLY A 170 0.19 5.10 2.71
CA GLY A 170 0.03 5.66 4.04
C GLY A 170 0.42 7.13 4.13
N LEU A 171 -0.41 7.90 4.86
CA LEU A 171 -0.22 9.33 5.22
C LEU A 171 0.71 10.16 4.34
N ALA A 184 -6.75 -5.76 13.58
CA ALA A 184 -6.34 -6.07 12.19
C ALA A 184 -5.48 -4.98 11.60
N THR A 185 -5.52 -3.79 12.19
CA THR A 185 -4.70 -2.71 11.69
C THR A 185 -3.21 -2.94 12.02
N ARG A 186 -2.90 -3.54 13.17
CA ARG A 186 -1.52 -3.71 13.59
C ARG A 186 -0.90 -5.03 13.16
N TRP A 187 -1.71 -6.00 12.73
CA TRP A 187 -1.22 -7.37 12.60
C TRP A 187 -0.13 -7.53 11.55
N TYR A 188 -0.01 -6.61 10.60
CA TYR A 188 0.94 -6.76 9.52
C TYR A 188 2.09 -5.78 9.66
N ARG A 189 2.16 -5.09 10.78
CA ARG A 189 3.10 -4.00 10.93
C ARG A 189 4.39 -4.49 11.58
N ALA A 190 5.53 -3.96 11.10
CA ALA A 190 6.82 -4.36 11.64
C ALA A 190 6.95 -3.95 13.10
N PRO A 191 7.63 -4.76 13.92
CA PRO A 191 7.75 -4.42 15.35
C PRO A 191 8.48 -3.12 15.63
N GLU A 192 9.44 -2.74 14.80
CA GLU A 192 10.19 -1.51 15.08
C GLU A 192 9.43 -0.23 14.78
N ILE A 193 8.24 -0.30 14.17
CA ILE A 193 7.40 0.87 14.05
C ILE A 193 6.11 0.75 14.85
N MET A 194 5.68 -0.48 15.15
CA MET A 194 4.58 -0.68 16.07
C MET A 194 4.88 -0.06 17.43
N LEU A 195 6.14 0.00 17.84
CA LEU A 195 6.50 0.58 19.14
C LEU A 195 7.53 1.70 18.98
N ASN A 196 7.71 2.20 17.76
CA ASN A 196 8.52 3.39 17.50
C ASN A 196 9.97 3.21 17.94
N TRP A 197 10.55 2.04 17.67
CA TRP A 197 11.91 1.75 18.14
C TRP A 197 12.96 2.60 17.46
N MET A 198 12.77 2.90 16.17
CA MET A 198 13.83 3.53 15.40
C MET A 198 13.22 4.13 14.14
N HIS A 199 14.02 4.98 13.49
CA HIS A 199 13.71 5.40 12.14
C HIS A 199 13.76 4.19 11.21
N TYR A 200 12.65 3.92 10.56
CA TYR A 200 12.47 2.66 9.84
C TYR A 200 12.84 2.76 8.36
N ASN A 201 13.42 1.69 7.83
CA ASN A 201 13.72 1.64 6.42
C ASN A 201 12.54 1.04 5.66
N GLN A 202 12.72 0.87 4.35
CA GLN A 202 11.66 0.34 3.51
C GLN A 202 11.42 -1.15 3.73
N THR A 203 12.28 -1.82 4.49
CA THR A 203 12.07 -3.23 4.77
C THR A 203 10.96 -3.44 5.78
N VAL A 204 10.41 -2.35 6.30
CA VAL A 204 9.16 -2.43 7.05
C VAL A 204 8.05 -3.03 6.18
N ASP A 205 8.06 -2.74 4.87
CA ASP A 205 7.10 -3.34 3.97
C ASP A 205 7.38 -4.83 3.74
N ILE A 206 8.65 -5.24 3.74
CA ILE A 206 8.95 -6.64 3.53
C ILE A 206 8.40 -7.49 4.69
N TRP A 207 8.52 -6.98 5.92
CA TRP A 207 7.87 -7.63 7.06
C TRP A 207 6.39 -7.82 6.77
N SER A 208 5.73 -6.77 6.27
CA SER A 208 4.30 -6.89 5.96
C SER A 208 4.03 -8.02 4.98
N VAL A 209 4.81 -8.08 3.88
CA VAL A 209 4.64 -9.14 2.88
C VAL A 209 4.80 -10.51 3.53
N GLY A 210 5.75 -10.64 4.45
CA GLY A 210 5.87 -11.90 5.17
C GLY A 210 4.58 -12.28 5.88
N CYS A 211 3.99 -11.33 6.62
CA CYS A 211 2.76 -11.63 7.34
C CYS A 211 1.65 -11.98 6.38
N ILE A 212 1.55 -11.26 5.25
CA ILE A 212 0.56 -11.59 4.23
C ILE A 212 0.82 -12.99 3.65
N MET A 213 2.08 -13.29 3.32
CA MET A 213 2.38 -14.58 2.72
C MET A 213 2.07 -15.73 3.66
N ALA A 214 2.48 -15.61 4.94
CA ALA A 214 2.23 -16.70 5.89
C ALA A 214 0.75 -16.95 6.04
N GLU A 215 -0.06 -15.89 6.01
CA GLU A 215 -1.51 -16.01 6.14
C GLU A 215 -2.14 -16.66 4.92
N LEU A 216 -1.61 -16.37 3.72
CA LEU A 216 -2.17 -17.01 2.53
C LEU A 216 -1.88 -18.51 2.51
N LEU A 217 -0.74 -18.93 3.07
CA LEU A 217 -0.34 -20.33 3.08
C LEU A 217 -1.08 -21.14 4.15
N THR A 218 -1.16 -20.62 5.39
CA THR A 218 -1.78 -21.37 6.49
C THR A 218 -3.28 -21.12 6.62
N GLY A 219 -3.78 -19.98 6.14
CA GLY A 219 -5.16 -19.62 6.38
C GLY A 219 -5.43 -18.99 7.74
N ARG A 220 -4.38 -18.58 8.45
CA ARG A 220 -4.47 -17.91 9.74
C ARG A 220 -3.68 -16.63 9.70
N THR A 221 -4.17 -15.62 10.39
CA THR A 221 -3.34 -14.47 10.65
C THR A 221 -2.11 -14.90 11.44
N LEU A 222 -0.96 -14.34 11.09
CA LEU A 222 0.29 -14.79 11.69
C LEU A 222 0.43 -14.30 13.13
N PHE A 223 0.22 -13.00 13.36
CA PHE A 223 0.43 -12.35 14.65
C PHE A 223 -0.82 -11.57 15.09
N PRO A 224 -1.94 -12.26 15.38
CA PRO A 224 -3.18 -11.52 15.71
C PRO A 224 -3.27 -11.13 17.18
N GLY A 225 -2.33 -10.27 17.62
CA GLY A 225 -2.36 -9.77 18.97
C GLY A 225 -3.43 -8.70 19.18
N THR A 226 -3.88 -8.56 20.43
CA THR A 226 -4.87 -7.54 20.79
C THR A 226 -4.20 -6.17 20.92
N ASP A 227 -3.44 -5.97 22.00
CA ASP A 227 -2.68 -4.74 22.14
C ASP A 227 -1.25 -4.90 21.61
N HIS A 228 -0.52 -3.77 21.57
CA HIS A 228 0.84 -3.75 21.03
C HIS A 228 1.76 -4.74 21.75
N ILE A 229 1.61 -4.88 23.08
CA ILE A 229 2.50 -5.74 23.86
C ILE A 229 2.21 -7.20 23.56
N ASP A 230 0.94 -7.60 23.70
CA ASP A 230 0.52 -8.94 23.30
C ASP A 230 1.03 -9.28 21.89
N GLN A 231 0.91 -8.35 20.95
CA GLN A 231 1.41 -8.62 19.62
C GLN A 231 2.92 -8.80 19.61
N LEU A 232 3.64 -7.91 20.30
CA LEU A 232 5.09 -7.99 20.31
C LEU A 232 5.58 -9.34 20.85
N LYS A 233 4.84 -9.92 21.80
CA LYS A 233 5.27 -11.18 22.37
C LYS A 233 5.07 -12.34 21.39
N LEU A 234 3.99 -12.29 20.60
CA LEU A 234 3.80 -13.32 19.57
C LEU A 234 4.89 -13.24 18.52
N ILE A 235 5.26 -12.02 18.11
CA ILE A 235 6.36 -11.84 17.18
C ILE A 235 7.66 -12.41 17.77
N LEU A 236 8.02 -11.98 19.00
CA LEU A 236 9.28 -12.42 19.61
C LEU A 236 9.30 -13.91 19.92
N ARG A 237 8.13 -14.53 20.08
CA ARG A 237 8.09 -15.97 20.27
C ARG A 237 8.52 -16.72 19.01
N LEU A 238 8.23 -16.17 17.84
CA LEU A 238 8.62 -16.81 16.59
C LEU A 238 10.05 -16.46 16.19
N VAL A 239 10.42 -15.19 16.27
CA VAL A 239 11.66 -14.71 15.68
C VAL A 239 12.76 -14.51 16.70
N GLY A 240 12.50 -14.80 17.98
CA GLY A 240 13.48 -14.60 19.02
C GLY A 240 13.58 -13.15 19.49
N THR A 241 14.05 -13.00 20.74
CA THR A 241 14.19 -11.66 21.30
C THR A 241 15.40 -10.95 20.67
N PRO A 242 15.42 -9.63 20.70
CA PRO A 242 16.53 -8.88 20.08
C PRO A 242 17.86 -9.24 20.70
N GLY A 243 18.89 -9.36 19.86
CA GLY A 243 20.24 -9.54 20.33
C GLY A 243 20.94 -8.21 20.44
N ALA A 244 22.21 -8.27 20.84
CA ALA A 244 22.93 -7.04 21.17
C ALA A 244 22.99 -6.08 19.98
N GLU A 245 23.25 -6.60 18.77
CA GLU A 245 23.47 -5.72 17.63
C GLU A 245 22.22 -4.91 17.33
N LEU A 246 21.04 -5.53 17.50
CA LEU A 246 19.79 -4.80 17.30
C LEU A 246 19.53 -3.82 18.45
N LEU A 247 19.77 -4.23 19.71
CA LEU A 247 19.60 -3.30 20.83
C LEU A 247 20.38 -2.03 20.64
N LYS A 248 21.60 -2.13 20.11
CA LYS A 248 22.43 -0.94 19.92
C LYS A 248 21.81 0.02 18.91
N LYS A 249 20.92 -0.46 18.05
CA LYS A 249 20.27 0.37 17.05
C LYS A 249 18.96 0.98 17.52
N ILE A 250 18.55 0.75 18.76
CA ILE A 250 17.28 1.26 19.25
C ILE A 250 17.54 2.56 20.01
N SER A 251 16.93 3.65 19.52
CA SER A 251 17.18 4.99 20.05
C SER A 251 16.65 5.15 21.47
N SER A 252 15.38 4.80 21.69
CA SER A 252 14.76 4.99 23.01
C SER A 252 15.47 4.18 24.09
N GLU A 253 15.98 4.87 25.10
CA GLU A 253 16.54 4.17 26.26
C GLU A 253 15.49 3.30 26.92
N SER A 254 14.23 3.77 26.96
CA SER A 254 13.19 3.01 27.63
C SER A 254 12.85 1.74 26.86
N ALA A 255 12.89 1.82 25.53
CA ALA A 255 12.62 0.62 24.74
C ALA A 255 13.67 -0.44 25.02
N ARG A 256 14.96 -0.06 25.00
CA ARG A 256 16.01 -1.05 25.27
C ARG A 256 15.86 -1.63 26.66
N ASN A 257 15.50 -0.80 27.64
CA ASN A 257 15.28 -1.30 28.99
C ASN A 257 14.11 -2.27 29.05
N TYR A 258 13.01 -1.97 28.34
CA TYR A 258 11.89 -2.92 28.29
C TYR A 258 12.33 -4.24 27.65
N ILE A 259 13.04 -4.15 26.52
CA ILE A 259 13.51 -5.33 25.80
C ILE A 259 14.43 -6.17 26.69
N GLN A 260 15.32 -5.52 27.43
CA GLN A 260 16.24 -6.23 28.30
C GLN A 260 15.54 -6.91 29.47
N SER A 261 14.32 -6.49 29.80
CA SER A 261 13.55 -7.12 30.87
C SER A 261 12.88 -8.42 30.44
N LEU A 262 12.87 -8.72 29.14
CA LEU A 262 12.15 -9.88 28.67
C LEU A 262 13.02 -11.12 28.83
N THR A 263 12.40 -12.23 29.19
CA THR A 263 13.12 -13.50 29.17
C THR A 263 13.55 -13.80 27.74
N GLN A 264 14.83 -14.10 27.57
CA GLN A 264 15.33 -14.28 26.22
C GLN A 264 14.71 -15.50 25.56
N MET A 265 14.55 -15.43 24.24
CA MET A 265 13.88 -16.45 23.48
C MET A 265 14.66 -16.66 22.19
N PRO A 266 14.90 -17.91 21.83
CA PRO A 266 15.58 -18.19 20.56
C PRO A 266 14.59 -18.20 19.42
N LYS A 267 15.11 -17.93 18.23
CA LYS A 267 14.32 -18.06 17.02
C LYS A 267 13.81 -19.49 16.91
N MET A 268 12.54 -19.63 16.53
CA MET A 268 11.98 -20.94 16.21
C MET A 268 12.48 -21.41 14.84
N ASN A 269 12.41 -22.72 14.64
CA ASN A 269 12.63 -23.37 13.35
C ASN A 269 11.33 -23.26 12.57
N PHE A 270 11.33 -22.47 11.50
CA PHE A 270 10.08 -22.20 10.81
C PHE A 270 9.47 -23.47 10.23
N ALA A 271 10.31 -24.45 9.88
CA ALA A 271 9.77 -25.70 9.32
C ALA A 271 8.86 -26.41 10.31
N ASN A 272 9.01 -26.12 11.61
CA ASN A 272 8.11 -26.65 12.62
C ASN A 272 6.81 -25.85 12.71
N VAL A 273 6.83 -24.57 12.33
CA VAL A 273 5.64 -23.73 12.38
C VAL A 273 4.80 -23.88 11.12
N PHE A 274 5.43 -23.97 9.95
CA PHE A 274 4.71 -24.09 8.69
C PHE A 274 4.84 -25.50 8.12
N ILE A 275 4.33 -26.51 8.82
CA ILE A 275 4.46 -27.89 8.35
C ILE A 275 3.61 -28.09 7.09
N GLY A 276 4.22 -28.65 6.06
CA GLY A 276 3.48 -29.00 4.85
C GLY A 276 3.45 -27.93 3.78
N ALA A 277 4.12 -26.80 4.00
CA ALA A 277 4.24 -25.76 2.99
C ALA A 277 5.48 -26.02 2.15
N ASN A 278 5.42 -25.58 0.88
CA ASN A 278 6.59 -25.56 0.00
C ASN A 278 7.80 -25.08 0.76
N PRO A 279 8.84 -25.90 0.91
CA PRO A 279 10.04 -25.47 1.67
C PRO A 279 10.68 -24.19 1.12
N LEU A 280 10.53 -23.92 -0.19
CA LEU A 280 11.03 -22.65 -0.72
C LEU A 280 10.20 -21.48 -0.19
N ALA A 281 8.88 -21.66 -0.09
CA ALA A 281 8.03 -20.65 0.55
C ALA A 281 8.49 -20.37 1.98
N VAL A 282 8.66 -21.43 2.79
CA VAL A 282 9.13 -21.27 4.16
C VAL A 282 10.48 -20.59 4.19
N ASP A 283 11.36 -20.92 3.26
CA ASP A 283 12.69 -20.31 3.24
C ASP A 283 12.61 -18.81 2.99
N LEU A 284 11.76 -18.39 2.06
CA LEU A 284 11.57 -16.96 1.81
C LEU A 284 10.97 -16.25 3.01
N LEU A 285 9.99 -16.87 3.69
CA LEU A 285 9.43 -16.29 4.91
C LEU A 285 10.50 -16.10 5.99
N GLU A 286 11.41 -17.06 6.12
N GLU A 286 11.41 -17.07 6.11
CA GLU A 286 12.52 -16.89 7.07
CA GLU A 286 12.54 -16.94 7.02
C GLU A 286 13.37 -15.66 6.72
C GLU A 286 13.39 -15.71 6.71
N LYS A 287 13.51 -15.37 5.43
CA LYS A 287 14.28 -14.20 5.02
C LYS A 287 13.51 -12.89 5.12
N MET A 288 12.17 -12.93 5.15
CA MET A 288 11.36 -11.72 5.30
C MET A 288 11.08 -11.36 6.75
N LEU A 289 10.75 -12.35 7.57
CA LEU A 289 10.41 -12.10 8.98
C LEU A 289 11.64 -12.15 9.88
N VAL A 290 12.68 -11.40 9.55
CA VAL A 290 13.83 -11.24 10.42
C VAL A 290 13.60 -10.01 11.26
N LEU A 291 13.90 -10.10 12.56
CA LEU A 291 13.56 -9.01 13.48
C LEU A 291 14.35 -7.74 13.17
N ASP A 292 15.64 -7.87 12.90
CA ASP A 292 16.49 -6.74 12.54
C ASP A 292 16.21 -6.35 11.09
N SER A 293 15.68 -5.14 10.88
CA SER A 293 15.27 -4.74 9.54
C SER A 293 16.45 -4.63 8.59
N ASP A 294 17.66 -4.41 9.11
CA ASP A 294 18.81 -4.31 8.22
C ASP A 294 19.15 -5.63 7.55
N LYS A 295 18.66 -6.76 8.08
CA LYS A 295 18.98 -8.08 7.55
C LYS A 295 17.80 -8.73 6.85
N ARG A 296 16.66 -8.06 6.76
CA ARG A 296 15.57 -8.58 5.96
C ARG A 296 15.94 -8.52 4.48
N ILE A 297 15.40 -9.47 3.73
CA ILE A 297 15.56 -9.46 2.29
C ILE A 297 14.86 -8.23 1.71
N THR A 298 15.46 -7.62 0.69
CA THR A 298 14.81 -6.51 0.01
C THR A 298 13.85 -7.04 -1.05
N ALA A 299 12.98 -6.16 -1.53
CA ALA A 299 12.04 -6.57 -2.57
C ALA A 299 12.77 -7.07 -3.80
N ALA A 300 13.85 -6.38 -4.20
CA ALA A 300 14.57 -6.74 -5.42
C ALA A 300 15.29 -8.07 -5.26
N GLN A 301 15.93 -8.31 -4.11
CA GLN A 301 16.50 -9.64 -3.86
C GLN A 301 15.43 -10.72 -3.80
N ALA A 302 14.31 -10.44 -3.13
CA ALA A 302 13.24 -11.43 -3.00
C ALA A 302 12.68 -11.87 -4.34
N LEU A 303 12.75 -11.03 -5.38
CA LEU A 303 12.21 -11.43 -6.69
C LEU A 303 13.06 -12.51 -7.34
N ALA A 304 14.36 -12.56 -6.99
CA ALA A 304 15.30 -13.55 -7.47
C ALA A 304 15.30 -14.82 -6.63
N HIS A 305 14.47 -14.88 -5.58
CA HIS A 305 14.38 -16.07 -4.76
C HIS A 305 13.78 -17.24 -5.56
N ALA A 306 14.29 -18.45 -5.32
CA ALA A 306 13.90 -19.62 -6.09
C ALA A 306 12.39 -19.87 -6.08
N TYR A 307 11.67 -19.37 -5.06
CA TYR A 307 10.22 -19.55 -4.97
C TYR A 307 9.48 -18.95 -6.15
N PHE A 308 10.04 -17.91 -6.79
CA PHE A 308 9.41 -17.21 -7.90
C PHE A 308 9.97 -17.60 -9.26
N ALA A 309 10.59 -18.78 -9.37
CA ALA A 309 11.34 -19.12 -10.58
C ALA A 309 10.44 -19.15 -11.82
N GLN A 310 9.19 -19.58 -11.68
CA GLN A 310 8.26 -19.56 -12.79
C GLN A 310 7.89 -18.15 -13.25
N TYR A 311 8.07 -17.12 -12.42
CA TYR A 311 7.60 -15.78 -12.75
C TYR A 311 8.69 -14.72 -12.81
N HIS A 312 9.83 -14.92 -12.15
CA HIS A 312 10.90 -13.92 -12.18
C HIS A 312 11.38 -13.67 -13.60
N ASP A 313 11.46 -12.39 -13.97
CA ASP A 313 12.01 -11.95 -15.25
C ASP A 313 12.75 -10.66 -15.00
N PRO A 314 14.09 -10.70 -14.94
CA PRO A 314 14.85 -9.50 -14.56
C PRO A 314 14.67 -8.32 -15.51
N ASP A 315 14.30 -8.55 -16.77
CA ASP A 315 14.06 -7.47 -17.72
C ASP A 315 12.61 -7.00 -17.76
N ASP A 316 11.78 -7.50 -16.86
CA ASP A 316 10.39 -7.07 -16.76
C ASP A 316 10.03 -6.75 -15.32
N GLU A 317 10.99 -6.22 -14.57
CA GLU A 317 10.77 -5.82 -13.18
C GLU A 317 11.27 -4.39 -13.03
N PRO A 318 10.56 -3.44 -13.61
CA PRO A 318 11.10 -2.09 -13.75
C PRO A 318 11.19 -1.37 -12.42
N VAL A 319 12.06 -0.36 -12.41
CA VAL A 319 12.18 0.57 -11.30
C VAL A 319 11.49 1.87 -11.69
N ALA A 320 11.43 2.81 -10.76
CA ALA A 320 10.74 4.07 -10.96
C ALA A 320 11.73 5.18 -11.30
N ASP A 321 11.19 6.25 -11.88
CA ASP A 321 11.96 7.48 -11.98
C ASP A 321 12.25 8.00 -10.58
N PRO A 322 13.34 8.74 -10.42
CA PRO A 322 13.62 9.34 -9.11
C PRO A 322 12.48 10.25 -8.68
N TYR A 323 12.20 10.27 -7.38
CA TYR A 323 11.06 10.98 -6.84
C TYR A 323 11.57 12.04 -5.88
N ASP A 324 11.39 13.32 -6.23
CA ASP A 324 11.93 14.43 -5.45
C ASP A 324 10.96 14.74 -4.31
N GLN A 325 11.38 14.47 -3.08
CA GLN A 325 10.57 14.77 -1.90
C GLN A 325 11.07 15.98 -1.12
N SER A 326 11.90 16.83 -1.73
CA SER A 326 12.46 17.96 -1.01
C SER A 326 11.39 18.95 -0.58
N PHE A 327 10.18 18.84 -1.13
CA PHE A 327 9.07 19.65 -0.65
C PHE A 327 8.72 19.36 0.80
N GLU A 328 9.11 18.19 1.33
CA GLU A 328 8.69 17.86 2.67
C GLU A 328 9.26 18.83 3.70
N SER A 329 10.44 19.38 3.42
CA SER A 329 11.12 20.29 4.33
C SER A 329 10.86 21.76 3.99
N ARG A 330 9.90 22.04 3.13
CA ARG A 330 9.52 23.41 2.83
C ARG A 330 8.48 23.85 3.85
N ASP A 331 8.60 25.07 4.31
CA ASP A 331 7.67 25.60 5.30
C ASP A 331 6.85 26.71 4.61
N LEU A 332 5.62 26.41 4.24
CA LEU A 332 4.88 27.30 3.34
C LEU A 332 3.52 27.70 3.92
N LEU A 333 2.97 28.76 3.34
CA LEU A 333 1.64 29.22 3.71
C LEU A 333 0.57 28.29 3.16
N ILE A 334 -0.56 28.25 3.87
CA ILE A 334 -1.68 27.41 3.46
C ILE A 334 -2.03 27.65 1.98
N ASP A 335 -2.05 28.91 1.55
CA ASP A 335 -2.36 29.18 0.15
C ASP A 335 -1.21 28.84 -0.80
N GLU A 336 0.03 28.75 -0.30
CA GLU A 336 1.12 28.32 -1.15
C GLU A 336 1.04 26.81 -1.41
N TRP A 337 0.76 26.01 -0.37
CA TRP A 337 0.46 24.60 -0.61
C TRP A 337 -0.72 24.45 -1.56
N LYS A 338 -1.75 25.28 -1.40
CA LYS A 338 -2.92 25.19 -2.25
C LYS A 338 -2.58 25.54 -3.70
N SER A 339 -1.69 26.52 -3.89
CA SER A 339 -1.26 26.89 -5.24
C SER A 339 -0.43 25.80 -5.89
N LEU A 340 0.50 25.19 -5.14
CA LEU A 340 1.28 24.09 -5.69
C LEU A 340 0.38 22.92 -6.10
N THR A 341 -0.64 22.61 -5.30
CA THR A 341 -1.56 21.54 -5.65
C THR A 341 -2.29 21.85 -6.95
N TYR A 342 -2.70 23.11 -7.12
CA TYR A 342 -3.38 23.53 -8.34
C TYR A 342 -2.49 23.31 -9.57
N ASP A 343 -1.22 23.69 -9.46
CA ASP A 343 -0.28 23.40 -10.55
C ASP A 343 -0.26 21.91 -10.87
N GLU A 344 -0.22 21.07 -9.84
CA GLU A 344 -0.21 19.62 -10.09
C GLU A 344 -1.50 19.15 -10.73
N VAL A 345 -2.63 19.76 -10.38
CA VAL A 345 -3.88 19.43 -11.07
C VAL A 345 -3.82 19.87 -12.53
N ILE A 346 -3.35 21.08 -12.81
CA ILE A 346 -3.44 21.53 -14.20
C ILE A 346 -2.35 20.90 -15.07
N SER A 347 -1.26 20.40 -14.48
CA SER A 347 -0.20 19.78 -15.26
C SER A 347 -0.37 18.26 -15.44
N PHE A 348 -1.51 17.69 -15.05
CA PHE A 348 -1.67 16.24 -15.11
C PHE A 348 -1.87 15.76 -16.56
N VAL A 349 -1.10 14.76 -16.97
CA VAL A 349 -1.28 14.10 -18.26
C VAL A 349 -1.88 12.70 -18.04
N PRO A 350 -2.99 12.36 -18.69
CA PRO A 350 -3.57 11.03 -18.48
C PRO A 350 -2.65 9.95 -19.01
N PRO A 351 -2.74 8.73 -18.48
CA PRO A 351 -1.98 7.60 -19.03
C PRO A 351 -2.47 7.21 -20.41
N PRO A 352 -1.66 6.47 -21.18
CA PRO A 352 -2.00 6.25 -22.61
C PRO A 352 -3.31 5.53 -22.89
N LEU A 353 -3.58 4.39 -22.21
CA LEU A 353 -4.85 3.58 -22.22
C LEU A 353 -4.52 2.11 -21.97
N ARG B 6 -2.08 -16.30 -15.32
CA ARG B 6 -2.96 -17.23 -14.61
C ARG B 6 -4.22 -17.45 -15.44
N ASN B 7 -4.48 -18.70 -15.85
CA ASN B 7 -5.50 -18.93 -16.85
C ASN B 7 -6.93 -19.03 -16.30
N PRO B 8 -7.25 -20.02 -15.44
CA PRO B 8 -8.66 -20.18 -15.04
C PRO B 8 -9.12 -19.07 -14.08
N GLY B 9 -10.40 -18.75 -14.15
CA GLY B 9 -10.91 -17.55 -13.51
C GLY B 9 -11.10 -17.62 -12.00
N LEU B 10 -10.42 -16.75 -11.26
CA LEU B 10 -10.68 -16.60 -9.82
C LEU B 10 -12.10 -16.09 -9.56
N LYS B 11 -12.72 -16.62 -8.50
CA LYS B 11 -14.09 -16.24 -8.15
C LYS B 11 -14.13 -14.92 -7.41
N ILE B 12 -15.13 -14.10 -7.74
CA ILE B 12 -15.30 -12.77 -7.17
C ILE B 12 -16.65 -12.72 -6.47
N PRO B 13 -16.75 -12.01 -5.32
CA PRO B 13 -18.04 -11.85 -4.63
C PRO B 13 -18.86 -10.67 -5.16
#